data_3FWA
#
_entry.id   3FWA
#
_cell.length_a   68.870
_cell.length_b   68.870
_cell.length_c   246.460
_cell.angle_alpha   90.000
_cell.angle_beta   90.000
_cell.angle_gamma   90.000
#
_symmetry.space_group_name_H-M   'P 41 21 2'
#
loop_
_entity.id
_entity.type
_entity.pdbx_description
1 polymer 'Reticuline oxidase'
2 branched alpha-D-mannopyranose-(1-4)-2-acetamido-2-deoxy-beta-D-glucopyranose-(1-4)-2-acetamido-2-deoxy-beta-D-glucopyranose
3 non-polymer 'FLAVIN-ADENINE DINUCLEOTIDE'
4 non-polymer (S)-reticuline
5 non-polymer 2-acetamido-2-deoxy-beta-D-glucopyranose
6 non-polymer 'MAGNESIUM ION'
7 water water
#
_entity_poly.entity_id   1
_entity_poly.type   'polypeptide(L)'
_entity_poly.pdbx_seq_one_letter_code
;DLLSCLTFNGVRNHTVFSADSDSDFNRFLHLSIQNPLFQNSLISKPSAIILPGSKEELSNTIRCIRKGSWTIRLRSGGHS
YEGLSYTSDTPFILIDLMNLNRVSIDLESETAWVESGSTLGELYYAITESSSKLGFTAGWAPTVGTGGHISGGGFGMMSR
KYGLAADNVVDAILIDANGAILDRQAMGEDVFWAIRGGGGGVWGAIYAWKIKLLPVPEKVTVFRVTKNVAIDEATSLLHK
WQFVAEELEEDFTLSVLGGADEKQVWLTMLGFHFGLKTVAKSTFDLLFPELGLVEEDYLEMSWGESFAYLAGLETVSQLN
NRFLKFDERAFKTKVDLTKEPLPSKAFYGLLERLSKEPNGFIALNGFGGQMSKISSDFTPFPHRSGTRLMVEYIVAWNQS
EQKKKTEFLDWLEKVYEFMKPFVSKNPRLGYVNHIDLDLGGIDWGNKTVVNNAIEISRSWGESYFLSNYERLIRAKTLID
PNNVFNHPQSIPPMANF
;
_entity_poly.pdbx_strand_id   A
#
loop_
_chem_comp.id
_chem_comp.type
_chem_comp.name
_chem_comp.formula
FAD non-polymer 'FLAVIN-ADENINE DINUCLEOTIDE' 'C27 H33 N9 O15 P2'
MAN D-saccharide, alpha linking alpha-D-mannopyranose 'C6 H12 O6'
MG non-polymer 'MAGNESIUM ION' 'Mg 2'
NAG D-saccharide, beta linking 2-acetamido-2-deoxy-beta-D-glucopyranose 'C8 H15 N O6'
REN non-polymer (S)-reticuline 'C19 H23 N O4'
#
# COMPACT_ATOMS: atom_id res chain seq x y z
N ASP A 1 -16.72 -31.36 4.33
CA ASP A 1 -15.54 -31.79 5.09
C ASP A 1 -14.84 -30.60 5.73
N LEU A 2 -14.66 -29.53 4.97
CA LEU A 2 -14.09 -28.31 5.52
C LEU A 2 -14.97 -27.79 6.65
N LEU A 3 -16.27 -27.75 6.41
CA LEU A 3 -17.23 -27.33 7.42
C LEU A 3 -17.12 -28.15 8.69
N SER A 4 -17.05 -29.46 8.53
CA SER A 4 -16.95 -30.36 9.67
C SER A 4 -15.70 -30.06 10.48
N CYS A 5 -14.59 -29.84 9.79
CA CYS A 5 -13.33 -29.52 10.45
C CYS A 5 -13.42 -28.21 11.22
N LEU A 6 -13.96 -27.18 10.58
CA LEU A 6 -14.11 -25.89 11.25
C LEU A 6 -14.94 -26.02 12.52
N THR A 7 -16.07 -26.72 12.44
CA THR A 7 -16.93 -26.93 13.58
C THR A 7 -16.22 -27.67 14.71
N PHE A 8 -15.49 -28.72 14.35
CA PHE A 8 -14.76 -29.51 15.33
C PHE A 8 -13.78 -28.63 16.10
N ASN A 9 -13.28 -27.59 15.44
CA ASN A 9 -12.29 -26.69 16.02
C ASN A 9 -12.88 -25.39 16.55
N GLY A 10 -14.21 -25.29 16.54
CA GLY A 10 -14.90 -24.13 17.09
C GLY A 10 -14.93 -22.88 16.25
N VAL A 11 -14.70 -23.02 14.94
CA VAL A 11 -14.80 -21.89 14.01
C VAL A 11 -16.20 -21.90 13.41
N ARG A 12 -16.98 -20.86 13.69
CA ARG A 12 -18.41 -20.85 13.37
CA ARG A 12 -18.40 -20.88 13.33
C ARG A 12 -18.79 -19.88 12.25
N ASN A 13 -18.02 -18.82 12.06
CA ASN A 13 -18.38 -17.82 11.07
C ASN A 13 -17.89 -18.19 9.67
N HIS A 14 -18.70 -18.99 8.99
CA HIS A 14 -18.36 -19.46 7.66
CA HIS A 14 -18.37 -19.52 7.67
C HIS A 14 -19.60 -19.41 6.77
N THR A 15 -19.38 -19.02 5.51
CA THR A 15 -20.47 -18.87 4.54
C THR A 15 -20.07 -19.46 3.20
N VAL A 16 -20.85 -20.41 2.70
CA VAL A 16 -20.53 -21.05 1.42
C VAL A 16 -21.01 -20.23 0.23
N PHE A 17 -20.37 -20.45 -0.92
CA PHE A 17 -20.76 -19.79 -2.15
C PHE A 17 -22.27 -19.88 -2.40
N SER A 18 -22.84 -18.76 -2.83
CA SER A 18 -24.24 -18.72 -3.26
C SER A 18 -24.36 -17.91 -4.54
N ALA A 19 -25.25 -18.35 -5.43
CA ALA A 19 -25.50 -17.64 -6.68
C ALA A 19 -26.47 -16.48 -6.45
N ASP A 20 -27.04 -16.41 -5.26
CA ASP A 20 -27.98 -15.35 -4.90
C ASP A 20 -27.24 -14.04 -4.70
N SER A 21 -27.48 -13.08 -5.59
CA SER A 21 -26.79 -11.79 -5.52
C SER A 21 -27.05 -11.05 -4.21
N ASP A 22 -28.11 -11.45 -3.52
CA ASP A 22 -28.48 -10.80 -2.26
C ASP A 22 -28.04 -11.64 -1.07
N SER A 23 -27.36 -12.74 -1.35
CA SER A 23 -26.90 -13.65 -0.31
CA SER A 23 -26.91 -13.64 -0.30
C SER A 23 -25.89 -12.97 0.61
N ASP A 24 -25.80 -13.47 1.85
CA ASP A 24 -24.80 -12.99 2.79
C ASP A 24 -23.42 -13.23 2.20
N PHE A 25 -23.28 -14.34 1.48
CA PHE A 25 -22.00 -14.66 0.84
C PHE A 25 -21.54 -13.52 -0.06
N ASN A 26 -22.41 -13.11 -0.97
CA ASN A 26 -22.12 -12.01 -1.90
CA ASN A 26 -22.07 -12.03 -1.89
C ASN A 26 -21.84 -10.70 -1.16
N ARG A 27 -22.60 -10.46 -0.11
CA ARG A 27 -22.44 -9.25 0.68
C ARG A 27 -21.05 -9.20 1.32
N PHE A 28 -20.65 -10.30 1.95
CA PHE A 28 -19.32 -10.37 2.57
C PHE A 28 -18.23 -10.27 1.50
N LEU A 29 -18.44 -10.92 0.36
CA LEU A 29 -17.43 -10.88 -0.69
C LEU A 29 -17.18 -9.44 -1.12
N HIS A 30 -18.25 -8.69 -1.34
CA HIS A 30 -18.12 -7.34 -1.90
C HIS A 30 -17.80 -6.23 -0.92
N LEU A 31 -18.01 -6.48 0.38
CA LEU A 31 -17.76 -5.45 1.38
C LEU A 31 -16.38 -4.82 1.25
N SER A 32 -15.38 -5.64 0.98
CA SER A 32 -14.00 -5.18 0.95
C SER A 32 -13.34 -5.30 -0.43
N ILE A 33 -14.11 -5.30 -1.50
CA ILE A 33 -13.50 -5.17 -2.82
C ILE A 33 -13.29 -3.69 -3.10
N GLN A 34 -12.02 -3.28 -3.13
CA GLN A 34 -11.72 -1.85 -3.24
C GLN A 34 -11.40 -1.41 -4.67
N ASN A 35 -11.31 -2.36 -5.59
CA ASN A 35 -11.15 -2.05 -6.99
C ASN A 35 -12.25 -2.71 -7.81
N PRO A 36 -13.25 -1.93 -8.22
CA PRO A 36 -14.41 -2.42 -9.00
C PRO A 36 -14.01 -3.17 -10.26
N LEU A 37 -12.78 -2.97 -10.73
CA LEU A 37 -12.25 -3.72 -11.86
C LEU A 37 -12.40 -5.24 -11.63
N PHE A 38 -12.42 -5.66 -10.36
CA PHE A 38 -12.46 -7.08 -10.02
C PHE A 38 -13.77 -7.53 -9.36
N GLN A 39 -14.86 -6.82 -9.66
CA GLN A 39 -16.15 -7.13 -9.03
C GLN A 39 -17.13 -7.91 -9.92
N ASN A 40 -16.92 -7.89 -11.23
CA ASN A 40 -17.91 -8.46 -12.16
C ASN A 40 -18.16 -9.96 -12.01
N SER A 41 -19.18 -10.46 -12.69
CA SER A 41 -19.60 -11.85 -12.56
C SER A 41 -18.62 -12.84 -13.20
N LEU A 42 -17.77 -12.35 -14.09
CA LEU A 42 -16.82 -13.22 -14.78
C LEU A 42 -15.58 -13.49 -13.93
N ILE A 43 -15.41 -12.73 -12.86
CA ILE A 43 -14.26 -12.90 -11.98
C ILE A 43 -14.40 -14.16 -11.13
N SER A 44 -13.26 -14.77 -10.77
CA SER A 44 -13.26 -15.93 -9.90
C SER A 44 -13.87 -15.57 -8.54
N LYS A 45 -14.57 -16.52 -7.93
CA LYS A 45 -15.22 -16.32 -6.63
C LYS A 45 -14.85 -17.44 -5.68
N PRO A 46 -14.70 -17.12 -4.38
CA PRO A 46 -14.31 -18.15 -3.39
C PRO A 46 -15.42 -19.18 -3.21
N SER A 47 -15.03 -20.40 -2.86
CA SER A 47 -15.99 -21.47 -2.60
C SER A 47 -16.64 -21.29 -1.24
N ALA A 48 -15.96 -20.57 -0.35
CA ALA A 48 -16.52 -20.19 0.94
C ALA A 48 -15.74 -19.01 1.49
N ILE A 49 -16.37 -18.29 2.41
CA ILE A 49 -15.74 -17.17 3.10
C ILE A 49 -15.75 -17.46 4.59
N ILE A 50 -14.58 -17.36 5.22
CA ILE A 50 -14.44 -17.61 6.65
CA ILE A 50 -14.46 -17.60 6.65
C ILE A 50 -14.00 -16.31 7.33
N LEU A 51 -14.67 -15.96 8.42
CA LEU A 51 -14.34 -14.75 9.17
CA LEU A 51 -14.36 -14.76 9.17
C LEU A 51 -13.88 -15.12 10.58
N PRO A 52 -12.59 -15.44 10.72
CA PRO A 52 -12.10 -15.84 12.06
C PRO A 52 -12.12 -14.66 13.02
N GLY A 53 -12.38 -14.95 14.30
CA GLY A 53 -12.53 -13.91 15.30
C GLY A 53 -11.49 -13.94 16.41
N SER A 54 -10.52 -14.85 16.32
CA SER A 54 -9.44 -14.94 17.29
C SER A 54 -8.24 -15.58 16.62
N LYS A 55 -7.09 -15.54 17.30
CA LYS A 55 -5.91 -16.17 16.74
C LYS A 55 -6.10 -17.69 16.60
N GLU A 56 -6.78 -18.32 17.55
CA GLU A 56 -7.03 -19.75 17.46
C GLU A 56 -7.92 -20.06 16.26
N GLU A 57 -8.94 -19.24 16.03
CA GLU A 57 -9.81 -19.45 14.88
C GLU A 57 -9.02 -19.29 13.57
N LEU A 58 -8.10 -18.33 13.52
CA LEU A 58 -7.29 -18.15 12.32
C LEU A 58 -6.39 -19.37 12.12
N SER A 59 -5.74 -19.81 13.19
CA SER A 59 -4.88 -21.00 13.14
C SER A 59 -5.65 -22.23 12.66
N ASN A 60 -6.81 -22.47 13.25
CA ASN A 60 -7.59 -23.64 12.91
C ASN A 60 -8.21 -23.58 11.51
N THR A 61 -8.52 -22.37 11.06
CA THR A 61 -9.02 -22.18 9.71
C THR A 61 -7.95 -22.63 8.70
N ILE A 62 -6.72 -22.16 8.89
CA ILE A 62 -5.62 -22.58 8.04
C ILE A 62 -5.42 -24.10 8.09
N ARG A 63 -5.38 -24.66 9.28
CA ARG A 63 -5.19 -26.10 9.43
C ARG A 63 -6.27 -26.90 8.71
N CYS A 64 -7.52 -26.46 8.82
CA CYS A 64 -8.63 -27.17 8.18
C CYS A 64 -8.59 -27.06 6.67
N ILE A 65 -8.28 -25.88 6.16
CA ILE A 65 -8.21 -25.67 4.71
C ILE A 65 -7.16 -26.56 4.08
N ARG A 66 -6.09 -26.81 4.82
CA ARG A 66 -4.98 -27.63 4.33
C ARG A 66 -5.34 -29.09 4.13
N LYS A 67 -6.27 -29.60 4.95
CA LYS A 67 -6.70 -30.98 4.81
C LYS A 67 -7.40 -31.19 3.47
N GLY A 68 -7.84 -30.10 2.87
CA GLY A 68 -8.41 -30.13 1.52
C GLY A 68 -7.38 -29.73 0.49
N SER A 69 -7.82 -29.41 -0.71
CA SER A 69 -6.89 -28.99 -1.77
C SER A 69 -7.12 -27.53 -2.15
N TRP A 70 -7.59 -26.74 -1.19
CA TRP A 70 -7.95 -25.35 -1.46
C TRP A 70 -6.74 -24.43 -1.50
N THR A 71 -6.84 -23.39 -2.32
CA THR A 71 -5.90 -22.27 -2.25
C THR A 71 -6.39 -21.28 -1.22
N ILE A 72 -5.50 -20.89 -0.31
CA ILE A 72 -5.85 -19.90 0.72
C ILE A 72 -5.72 -18.49 0.17
N ARG A 73 -6.73 -17.67 0.42
CA ARG A 73 -6.64 -16.24 0.16
C ARG A 73 -6.96 -15.46 1.42
N LEU A 74 -6.05 -14.56 1.80
CA LEU A 74 -6.23 -13.73 2.98
C LEU A 74 -6.65 -12.33 2.55
N ARG A 75 -7.63 -11.76 3.24
CA ARG A 75 -8.00 -10.37 2.96
C ARG A 75 -8.12 -9.57 4.24
N SER A 76 -7.50 -8.40 4.24
CA SER A 76 -7.57 -7.47 5.34
C SER A 76 -8.43 -6.28 4.92
N GLY A 77 -7.84 -5.33 4.19
CA GLY A 77 -8.63 -4.20 3.72
C GLY A 77 -9.11 -4.32 2.28
N GLY A 78 -8.60 -5.31 1.56
CA GLY A 78 -9.02 -5.56 0.19
C GLY A 78 -8.55 -4.56 -0.84
N HIS A 79 -7.50 -3.80 -0.51
CA HIS A 79 -6.99 -2.78 -1.43
C HIS A 79 -6.03 -3.27 -2.53
N SER A 80 -5.71 -4.56 -2.56
CA SER A 80 -4.82 -5.08 -3.61
C SER A 80 -5.16 -4.48 -4.97
N TYR A 81 -4.19 -3.82 -5.60
CA TYR A 81 -4.44 -3.19 -6.89
C TYR A 81 -4.85 -4.23 -7.94
N GLU A 82 -4.44 -5.48 -7.72
CA GLU A 82 -4.71 -6.55 -8.67
C GLU A 82 -5.71 -7.57 -8.13
N GLY A 83 -6.37 -7.24 -7.03
CA GLY A 83 -7.43 -8.08 -6.50
C GLY A 83 -6.94 -9.40 -5.95
N LEU A 84 -5.68 -9.46 -5.54
CA LEU A 84 -5.05 -10.74 -5.21
C LEU A 84 -5.47 -11.29 -3.85
N SER A 85 -6.21 -10.51 -3.07
CA SER A 85 -6.73 -11.01 -1.79
C SER A 85 -8.06 -11.74 -1.91
N TYR A 86 -8.70 -11.68 -3.07
CA TYR A 86 -10.03 -12.27 -3.21
C TYR A 86 -10.28 -12.88 -4.58
N THR A 87 -9.21 -13.14 -5.32
CA THR A 87 -9.29 -13.85 -6.59
C THR A 87 -8.22 -14.92 -6.69
N SER A 88 -8.49 -15.95 -7.50
CA SER A 88 -7.57 -17.05 -7.71
C SER A 88 -8.03 -17.87 -8.90
N ASP A 89 -7.09 -18.32 -9.73
CA ASP A 89 -7.43 -19.17 -10.86
C ASP A 89 -7.82 -20.57 -10.40
N THR A 90 -7.33 -20.96 -9.23
CA THR A 90 -7.65 -22.25 -8.64
C THR A 90 -8.71 -22.07 -7.55
N PRO A 91 -9.54 -23.09 -7.34
CA PRO A 91 -10.56 -23.02 -6.29
C PRO A 91 -9.95 -22.55 -4.97
N PHE A 92 -10.62 -21.61 -4.32
CA PHE A 92 -10.03 -20.98 -3.15
C PHE A 92 -11.01 -20.72 -2.03
N ILE A 93 -10.47 -20.56 -0.84
CA ILE A 93 -11.25 -20.19 0.33
C ILE A 93 -10.76 -18.81 0.76
N LEU A 94 -11.71 -17.90 0.92
CA LEU A 94 -11.37 -16.55 1.34
C LEU A 94 -11.45 -16.43 2.85
N ILE A 95 -10.31 -16.15 3.47
CA ILE A 95 -10.25 -15.87 4.89
C ILE A 95 -10.25 -14.36 5.05
N ASP A 96 -11.41 -13.81 5.40
CA ASP A 96 -11.54 -12.37 5.55
C ASP A 96 -11.32 -12.02 7.02
N LEU A 97 -10.45 -11.05 7.25
CA LEU A 97 -9.98 -10.74 8.59
C LEU A 97 -10.70 -9.57 9.25
N MET A 98 -11.85 -9.19 8.72
CA MET A 98 -12.54 -7.99 9.21
C MET A 98 -12.93 -8.06 10.70
N ASN A 99 -13.12 -9.25 11.24
CA ASN A 99 -13.46 -9.39 12.65
C ASN A 99 -12.25 -9.30 13.56
N LEU A 100 -11.06 -9.35 12.97
CA LEU A 100 -9.81 -9.20 13.70
C LEU A 100 -9.38 -7.75 13.59
N ASN A 101 -10.14 -6.86 14.20
CA ASN A 101 -9.82 -5.43 14.08
C ASN A 101 -9.65 -4.75 15.43
N ARG A 102 -9.13 -5.50 16.40
CA ARG A 102 -8.85 -4.93 17.72
C ARG A 102 -7.53 -4.17 17.72
N VAL A 103 -7.54 -2.96 18.26
CA VAL A 103 -6.34 -2.18 18.47
C VAL A 103 -6.17 -1.98 19.96
N SER A 104 -4.99 -2.32 20.48
CA SER A 104 -4.70 -2.13 21.89
C SER A 104 -3.53 -1.18 22.06
N ILE A 105 -3.82 0.02 22.53
CA ILE A 105 -2.79 1.05 22.76
CA ILE A 105 -2.78 1.02 22.75
C ILE A 105 -2.25 0.94 24.18
N ASP A 106 -0.93 0.89 24.30
CA ASP A 106 -0.27 0.90 25.60
C ASP A 106 0.44 2.23 25.73
N LEU A 107 -0.17 3.14 26.49
CA LEU A 107 0.39 4.47 26.65
C LEU A 107 1.62 4.47 27.56
N GLU A 108 1.79 3.41 28.36
CA GLU A 108 2.94 3.35 29.25
C GLU A 108 4.21 2.99 28.49
N SER A 109 4.08 2.18 27.44
CA SER A 109 5.22 1.82 26.61
C SER A 109 5.24 2.59 25.29
N GLU A 110 4.13 3.28 25.00
CA GLU A 110 3.95 3.94 23.70
C GLU A 110 4.17 2.96 22.54
N THR A 111 3.44 1.85 22.63
CA THR A 111 3.37 0.84 21.59
C THR A 111 1.91 0.44 21.42
N ALA A 112 1.63 -0.32 20.37
CA ALA A 112 0.28 -0.84 20.17
C ALA A 112 0.33 -2.21 19.54
N TRP A 113 -0.57 -3.07 19.99
CA TRP A 113 -0.83 -4.31 19.29
C TRP A 113 -2.04 -4.10 18.41
N VAL A 114 -1.91 -4.49 17.14
CA VAL A 114 -2.89 -4.18 16.11
C VAL A 114 -3.27 -5.46 15.37
N GLU A 115 -4.48 -5.97 15.60
CA GLU A 115 -4.93 -7.14 14.84
C GLU A 115 -4.94 -6.78 13.35
N SER A 116 -4.60 -7.74 12.51
CA SER A 116 -4.27 -7.47 11.11
C SER A 116 -5.46 -7.15 10.20
N GLY A 117 -6.68 -7.31 10.70
CA GLY A 117 -7.85 -6.84 9.97
C GLY A 117 -8.13 -5.36 10.19
N SER A 118 -7.42 -4.74 11.12
CA SER A 118 -7.60 -3.30 11.40
C SER A 118 -7.16 -2.48 10.19
N THR A 119 -7.90 -1.43 9.87
CA THR A 119 -7.51 -0.53 8.80
C THR A 119 -6.59 0.57 9.34
N LEU A 120 -5.93 1.26 8.43
CA LEU A 120 -5.10 2.42 8.81
C LEU A 120 -5.95 3.46 9.53
N GLY A 121 -7.16 3.70 9.01
CA GLY A 121 -8.08 4.66 9.62
C GLY A 121 -8.46 4.28 11.04
N GLU A 122 -8.80 3.01 11.24
CA GLU A 122 -9.12 2.52 12.58
C GLU A 122 -7.93 2.70 13.52
N LEU A 123 -6.74 2.40 13.04
CA LEU A 123 -5.53 2.57 13.81
C LEU A 123 -5.28 4.04 14.17
N TYR A 124 -5.33 4.91 13.16
CA TYR A 124 -5.10 6.34 13.37
C TYR A 124 -6.11 6.90 14.38
N TYR A 125 -7.37 6.48 14.23
CA TYR A 125 -8.43 6.94 15.13
C TYR A 125 -8.16 6.52 16.57
N ALA A 126 -7.78 5.25 16.76
CA ALA A 126 -7.47 4.75 18.09
C ALA A 126 -6.32 5.55 18.70
N ILE A 127 -5.30 5.85 17.90
CA ILE A 127 -4.15 6.57 18.42
C ILE A 127 -4.53 7.98 18.84
N THR A 128 -5.25 8.70 17.97
CA THR A 128 -5.58 10.08 18.30
CA THR A 128 -5.68 10.07 18.25
C THR A 128 -6.56 10.15 19.48
N GLU A 129 -7.41 9.14 19.65
CA GLU A 129 -8.31 9.10 20.79
C GLU A 129 -7.55 8.92 22.10
N SER A 130 -6.41 8.24 22.01
CA SER A 130 -5.64 7.89 23.20
C SER A 130 -4.68 8.99 23.64
N SER A 131 -4.22 9.79 22.69
CA SER A 131 -3.15 10.74 22.94
C SER A 131 -3.10 11.84 21.90
N SER A 132 -2.75 13.04 22.35
CA SER A 132 -2.56 14.18 21.46
C SER A 132 -1.11 14.33 21.01
N LYS A 133 -0.24 13.44 21.48
CA LYS A 133 1.20 13.57 21.22
C LYS A 133 1.83 12.33 20.56
N LEU A 134 0.98 11.43 20.07
CA LEU A 134 1.45 10.21 19.42
C LEU A 134 0.80 10.06 18.05
N GLY A 135 1.56 9.48 17.13
CA GLY A 135 1.04 9.18 15.81
C GLY A 135 1.73 7.94 15.28
N PHE A 136 1.50 7.65 14.01
CA PHE A 136 2.17 6.52 13.39
C PHE A 136 2.36 6.77 11.92
N THR A 137 3.44 6.21 11.38
CA THR A 137 3.76 6.41 9.97
C THR A 137 3.22 5.28 9.08
N ALA A 138 2.27 5.63 8.22
CA ALA A 138 1.76 4.70 7.22
C ALA A 138 1.10 5.48 6.10
N GLY A 139 0.40 4.79 5.21
CA GLY A 139 -0.19 5.40 4.04
C GLY A 139 -1.33 6.35 4.35
N TRP A 140 -1.79 7.04 3.30
CA TRP A 140 -2.79 8.10 3.48
C TRP A 140 -4.23 7.58 3.59
N ALA A 141 -4.50 6.43 2.99
CA ALA A 141 -5.87 5.97 2.77
C ALA A 141 -6.44 5.20 3.96
N PRO A 142 -7.51 5.71 4.58
CA PRO A 142 -7.98 5.14 5.83
C PRO A 142 -8.60 3.75 5.71
N THR A 143 -9.01 3.35 4.51
CA THR A 143 -9.64 2.02 4.35
C THR A 143 -8.64 0.93 3.99
N VAL A 144 -7.38 1.30 3.79
CA VAL A 144 -6.32 0.31 3.57
C VAL A 144 -6.13 -0.55 4.82
N GLY A 145 -5.97 -1.86 4.64
CA GLY A 145 -5.78 -2.77 5.77
C GLY A 145 -4.35 -2.86 6.23
N THR A 146 -4.14 -2.98 7.55
CA THR A 146 -2.79 -3.15 8.07
C THR A 146 -2.18 -4.48 7.63
N GLY A 147 -3.02 -5.47 7.35
CA GLY A 147 -2.52 -6.78 6.96
C GLY A 147 -1.70 -6.74 5.68
N GLY A 148 -2.26 -6.17 4.62
CA GLY A 148 -1.52 -6.04 3.38
C GLY A 148 -0.47 -4.92 3.44
N HIS A 149 -0.87 -3.79 4.01
CA HIS A 149 -0.06 -2.58 3.95
C HIS A 149 1.27 -2.72 4.67
N ILE A 150 1.24 -3.15 5.93
CA ILE A 150 2.48 -3.26 6.68
C ILE A 150 3.33 -4.41 6.13
N SER A 151 2.65 -5.46 5.66
CA SER A 151 3.36 -6.59 5.05
C SER A 151 4.22 -6.14 3.85
N GLY A 152 3.78 -5.09 3.17
CA GLY A 152 4.47 -4.60 1.99
C GLY A 152 5.33 -3.38 2.21
N GLY A 153 5.41 -2.90 3.45
CA GLY A 153 6.19 -1.70 3.75
C GLY A 153 5.32 -0.62 4.36
N GLY A 154 4.77 0.25 3.51
CA GLY A 154 3.78 1.23 3.94
C GLY A 154 4.35 2.64 4.02
N PHE A 155 4.18 3.38 2.92
CA PHE A 155 4.79 4.70 2.76
C PHE A 155 3.73 5.79 2.90
N GLY A 156 4.06 6.86 3.59
CA GLY A 156 3.13 7.97 3.69
C GLY A 156 3.76 9.31 3.97
N MET A 157 2.90 10.24 4.37
CA MET A 157 3.29 11.63 4.54
C MET A 157 4.29 11.88 5.66
N MET A 158 4.47 10.91 6.55
CA MET A 158 5.47 11.05 7.60
C MET A 158 6.68 10.16 7.37
N SER A 159 6.78 9.54 6.21
CA SER A 159 7.90 8.63 5.97
C SER A 159 9.26 9.33 5.87
N ARG A 160 9.29 10.59 5.49
CA ARG A 160 10.55 11.32 5.43
CA ARG A 160 10.54 11.32 5.44
C ARG A 160 11.07 11.58 6.84
N LYS A 161 10.20 11.46 7.83
CA LYS A 161 10.59 11.63 9.23
C LYS A 161 10.82 10.30 9.93
N TYR A 162 9.98 9.31 9.61
CA TYR A 162 9.94 8.08 10.38
C TYR A 162 10.03 6.78 9.58
N GLY A 163 10.21 6.88 8.28
CA GLY A 163 10.31 5.68 7.45
C GLY A 163 8.95 5.04 7.19
N LEU A 164 8.98 3.75 6.86
CA LEU A 164 7.76 3.00 6.52
C LEU A 164 7.08 2.49 7.77
N ALA A 165 5.80 2.14 7.64
CA ALA A 165 5.11 1.46 8.74
C ALA A 165 5.93 0.26 9.22
N ALA A 166 6.39 -0.56 8.27
CA ALA A 166 7.13 -1.77 8.61
C ALA A 166 8.46 -1.49 9.31
N ASP A 167 9.00 -0.29 9.13
CA ASP A 167 10.25 0.11 9.78
C ASP A 167 10.06 0.37 11.26
N ASN A 168 8.80 0.38 11.70
CA ASN A 168 8.47 0.70 13.07
C ASN A 168 7.69 -0.42 13.77
N VAL A 169 7.82 -1.62 13.21
CA VAL A 169 7.27 -2.84 13.80
C VAL A 169 8.32 -3.49 14.71
N VAL A 170 7.93 -3.80 15.94
CA VAL A 170 8.89 -4.34 16.91
C VAL A 170 8.60 -5.79 17.30
N ASP A 171 7.41 -6.26 16.98
CA ASP A 171 7.05 -7.67 17.20
C ASP A 171 5.85 -7.93 16.29
N ALA A 172 5.48 -9.21 16.15
CA ALA A 172 4.33 -9.58 15.35
C ALA A 172 3.96 -10.99 15.70
N ILE A 173 2.70 -11.35 15.46
CA ILE A 173 2.29 -12.74 15.55
C ILE A 173 1.97 -13.24 14.15
N LEU A 174 2.72 -14.24 13.71
CA LEU A 174 2.56 -14.85 12.40
C LEU A 174 2.01 -16.25 12.60
N ILE A 175 0.93 -16.56 11.91
CA ILE A 175 0.40 -17.91 11.91
CA ILE A 175 0.35 -17.90 11.89
C ILE A 175 0.87 -18.61 10.64
N ASP A 176 1.65 -19.66 10.84
CA ASP A 176 2.28 -20.33 9.70
C ASP A 176 1.40 -21.38 9.06
N ALA A 177 1.97 -22.07 8.05
CA ALA A 177 1.24 -23.05 7.26
C ALA A 177 0.71 -24.22 8.08
N ASN A 178 1.30 -24.46 9.25
CA ASN A 178 0.84 -25.53 10.11
C ASN A 178 -0.07 -25.04 11.22
N GLY A 179 -0.37 -23.75 11.22
CA GLY A 179 -1.19 -23.15 12.25
C GLY A 179 -0.44 -22.76 13.51
N ALA A 180 0.90 -22.82 13.47
CA ALA A 180 1.70 -22.40 14.62
C ALA A 180 1.52 -20.92 14.86
N ILE A 181 1.51 -20.53 16.13
CA ILE A 181 1.34 -19.14 16.52
C ILE A 181 2.69 -18.59 16.95
N LEU A 182 3.32 -17.82 16.08
CA LEU A 182 4.72 -17.43 16.23
C LEU A 182 4.90 -15.95 16.47
N ASP A 183 5.50 -15.60 17.61
CA ASP A 183 5.93 -14.22 17.80
C ASP A 183 7.34 -14.01 17.23
N ARG A 184 7.89 -12.82 17.41
CA ARG A 184 9.20 -12.52 16.85
C ARG A 184 10.26 -13.52 17.28
N GLN A 185 10.28 -13.84 18.57
CA GLN A 185 11.21 -14.82 19.10
C GLN A 185 11.04 -16.19 18.46
N ALA A 186 9.79 -16.59 18.23
CA ALA A 186 9.52 -17.92 17.70
C ALA A 186 9.86 -18.05 16.21
N MET A 187 9.55 -17.00 15.44
CA MET A 187 9.72 -17.07 14.00
C MET A 187 11.18 -16.87 13.59
N GLY A 188 11.94 -16.19 14.44
CA GLY A 188 13.35 -15.93 14.15
C GLY A 188 13.55 -14.64 13.39
N GLU A 189 14.79 -14.15 13.36
CA GLU A 189 15.06 -12.83 12.81
C GLU A 189 14.95 -12.75 11.28
N ASP A 190 15.22 -13.84 10.59
CA ASP A 190 15.07 -13.83 9.13
C ASP A 190 13.61 -13.71 8.71
N VAL A 191 12.72 -14.45 9.38
CA VAL A 191 11.30 -14.37 9.06
C VAL A 191 10.70 -13.07 9.56
N PHE A 192 11.14 -12.59 10.73
CA PHE A 192 10.66 -11.32 11.24
C PHE A 192 11.08 -10.16 10.33
N TRP A 193 12.25 -10.29 9.72
CA TRP A 193 12.70 -9.37 8.68
C TRP A 193 11.81 -9.46 7.44
N ALA A 194 11.62 -10.68 6.93
CA ALA A 194 10.85 -10.90 5.72
C ALA A 194 9.44 -10.32 5.77
N ILE A 195 8.75 -10.50 6.89
CA ILE A 195 7.36 -10.05 6.98
C ILE A 195 7.23 -8.53 6.98
N ARG A 196 8.30 -7.83 7.32
CA ARG A 196 8.28 -6.37 7.43
C ARG A 196 8.57 -5.70 6.10
N GLY A 197 7.84 -6.12 5.06
CA GLY A 197 8.01 -5.52 3.75
C GLY A 197 8.13 -6.50 2.60
N GLY A 198 8.24 -7.79 2.91
CA GLY A 198 8.44 -8.80 1.88
C GLY A 198 7.18 -9.15 1.10
N GLY A 199 6.06 -8.53 1.46
CA GLY A 199 4.82 -8.69 0.73
C GLY A 199 3.82 -9.57 1.44
N GLY A 200 2.55 -9.19 1.38
CA GLY A 200 1.49 -10.01 1.92
C GLY A 200 1.21 -11.25 1.10
N GLY A 201 0.61 -12.23 1.77
CA GLY A 201 0.16 -13.45 1.11
C GLY A 201 1.25 -14.43 0.77
N VAL A 202 2.37 -14.37 1.49
CA VAL A 202 3.56 -15.13 1.15
C VAL A 202 4.16 -15.95 2.30
N TRP A 203 4.03 -15.46 3.53
CA TRP A 203 4.80 -16.00 4.66
C TRP A 203 3.96 -16.81 5.63
N GLY A 204 2.65 -16.65 5.52
CA GLY A 204 1.70 -17.10 6.52
C GLY A 204 0.69 -15.99 6.70
N ALA A 205 -0.15 -16.11 7.73
CA ALA A 205 -1.13 -15.08 8.02
C ALA A 205 -0.70 -14.27 9.24
N ILE A 206 -0.44 -12.99 9.05
CA ILE A 206 -0.18 -12.12 10.19
C ILE A 206 -1.48 -12.04 10.99
N TYR A 207 -1.41 -12.37 12.27
CA TYR A 207 -2.54 -12.18 13.17
C TYR A 207 -2.54 -10.77 13.75
N ALA A 208 -1.38 -10.29 14.18
CA ALA A 208 -1.27 -8.95 14.76
C ALA A 208 0.13 -8.38 14.59
N TRP A 209 0.20 -7.05 14.55
CA TRP A 209 1.45 -6.31 14.51
C TRP A 209 1.65 -5.61 15.84
N LYS A 210 2.88 -5.58 16.34
CA LYS A 210 3.21 -4.70 17.45
C LYS A 210 4.06 -3.55 16.91
N ILE A 211 3.53 -2.33 17.04
CA ILE A 211 4.20 -1.16 16.47
C ILE A 211 4.65 -0.21 17.56
N LYS A 212 5.70 0.54 17.28
CA LYS A 212 6.13 1.63 18.14
C LYS A 212 5.37 2.89 17.75
N LEU A 213 4.69 3.50 18.71
CA LEU A 213 4.03 4.77 18.45
C LEU A 213 5.06 5.90 18.49
N LEU A 214 4.84 6.93 17.69
CA LEU A 214 5.87 7.92 17.41
C LEU A 214 5.45 9.33 17.84
N PRO A 215 6.42 10.13 18.32
CA PRO A 215 6.04 11.45 18.81
C PRO A 215 5.56 12.38 17.70
N VAL A 216 4.52 13.13 18.00
CA VAL A 216 4.07 14.21 17.12
C VAL A 216 3.75 15.41 18.01
N PRO A 217 3.92 16.63 17.50
CA PRO A 217 3.53 17.80 18.30
C PRO A 217 2.02 17.88 18.41
N GLU A 218 1.52 18.60 19.41
CA GLU A 218 0.09 18.73 19.60
C GLU A 218 -0.57 19.48 18.45
N LYS A 219 0.22 20.32 17.77
CA LYS A 219 -0.28 20.96 16.56
CA LYS A 219 -0.25 21.03 16.58
C LYS A 219 0.74 20.81 15.44
N VAL A 220 0.25 20.35 14.30
CA VAL A 220 1.08 20.28 13.10
C VAL A 220 0.46 21.24 12.09
N THR A 221 1.17 21.47 10.99
CA THR A 221 0.67 22.37 9.96
C THR A 221 0.55 21.65 8.63
N VAL A 222 -0.59 21.82 7.98
CA VAL A 222 -0.80 21.23 6.68
C VAL A 222 -1.38 22.25 5.72
N PHE A 223 -1.24 21.97 4.43
CA PHE A 223 -1.98 22.68 3.40
C PHE A 223 -2.36 21.74 2.26
N ARG A 224 -3.46 22.08 1.63
CA ARG A 224 -3.93 21.38 0.44
CA ARG A 224 -3.93 21.38 0.43
C ARG A 224 -4.41 22.44 -0.55
N VAL A 225 -3.56 22.76 -1.52
CA VAL A 225 -3.85 23.86 -2.40
C VAL A 225 -3.79 23.41 -3.85
N THR A 226 -4.87 23.65 -4.58
CA THR A 226 -4.87 23.32 -6.00
C THR A 226 -4.54 24.54 -6.82
N LYS A 227 -3.48 24.43 -7.62
CA LYS A 227 -3.10 25.47 -8.57
C LYS A 227 -3.73 25.13 -9.91
N ASN A 228 -4.47 26.07 -10.47
CA ASN A 228 -5.02 25.91 -11.79
C ASN A 228 -4.23 26.78 -12.75
N VAL A 229 -3.41 26.13 -13.57
CA VAL A 229 -2.42 26.82 -14.39
C VAL A 229 -2.36 26.25 -15.79
N ALA A 230 -1.48 26.82 -16.61
CA ALA A 230 -1.23 26.28 -17.95
C ALA A 230 0.04 25.42 -17.92
N ILE A 231 0.32 24.73 -19.01
CA ILE A 231 1.39 23.72 -19.01
C ILE A 231 2.80 24.30 -18.77
N ASP A 232 3.08 25.50 -19.26
CA ASP A 232 4.39 26.13 -19.04
CA ASP A 232 4.40 26.06 -19.04
C ASP A 232 4.67 26.27 -17.54
N GLU A 233 3.71 26.87 -16.84
CA GLU A 233 3.87 27.06 -15.40
C GLU A 233 3.82 25.73 -14.66
N ALA A 234 2.92 24.85 -15.05
CA ALA A 234 2.82 23.54 -14.39
C ALA A 234 4.13 22.77 -14.50
N THR A 235 4.75 22.85 -15.67
CA THR A 235 6.02 22.16 -15.90
C THR A 235 7.12 22.75 -15.01
N SER A 236 7.19 24.08 -14.92
CA SER A 236 8.19 24.71 -14.07
CA SER A 236 8.17 24.74 -14.07
C SER A 236 7.93 24.42 -12.60
N LEU A 237 6.66 24.35 -12.21
CA LEU A 237 6.32 24.01 -10.84
C LEU A 237 6.75 22.59 -10.48
N LEU A 238 6.43 21.62 -11.33
CA LEU A 238 6.81 20.24 -11.06
C LEU A 238 8.33 20.05 -11.11
N HIS A 239 8.98 20.70 -12.07
CA HIS A 239 10.43 20.55 -12.18
C HIS A 239 11.15 21.09 -10.96
N LYS A 240 10.69 22.22 -10.42
CA LYS A 240 11.27 22.73 -9.18
C LYS A 240 10.83 21.89 -7.98
N TRP A 241 9.58 21.45 -7.99
CA TRP A 241 9.05 20.65 -6.89
C TRP A 241 9.99 19.49 -6.54
N GLN A 242 10.53 18.79 -7.53
CA GLN A 242 11.29 17.59 -7.23
C GLN A 242 12.49 17.90 -6.36
N PHE A 243 13.08 19.07 -6.56
CA PHE A 243 14.26 19.43 -5.77
C PHE A 243 13.86 19.85 -4.37
N VAL A 244 12.85 20.70 -4.28
CA VAL A 244 12.32 21.14 -2.99
C VAL A 244 11.95 19.93 -2.13
N ALA A 245 11.21 18.99 -2.72
CA ALA A 245 10.70 17.82 -2.00
C ALA A 245 11.78 16.92 -1.40
N GLU A 246 12.71 16.46 -2.22
CA GLU A 246 13.73 15.53 -1.75
C GLU A 246 14.66 16.20 -0.76
N GLU A 247 14.88 17.50 -0.93
CA GLU A 247 15.85 18.22 -0.11
C GLU A 247 15.32 18.79 1.19
N LEU A 248 14.01 18.93 1.31
CA LEU A 248 13.42 19.50 2.53
C LEU A 248 13.95 18.77 3.76
N GLU A 249 14.08 19.49 4.87
CA GLU A 249 14.40 18.84 6.13
C GLU A 249 13.32 17.81 6.48
N GLU A 250 13.68 16.87 7.34
CA GLU A 250 12.81 15.72 7.62
C GLU A 250 11.47 16.11 8.24
N ASP A 251 11.39 17.29 8.85
CA ASP A 251 10.16 17.76 9.47
C ASP A 251 9.14 18.34 8.49
N PHE A 252 9.45 18.26 7.20
CA PHE A 252 8.56 18.75 6.14
C PHE A 252 8.33 17.69 5.07
N THR A 253 7.12 17.65 4.53
CA THR A 253 6.81 16.85 3.35
C THR A 253 5.99 17.69 2.40
N LEU A 254 6.36 17.69 1.12
CA LEU A 254 5.56 18.32 0.07
C LEU A 254 5.30 17.33 -1.05
N SER A 255 4.04 16.95 -1.24
CA SER A 255 3.69 16.02 -2.30
CA SER A 255 3.66 16.00 -2.28
C SER A 255 2.71 16.65 -3.28
N VAL A 256 2.49 16.00 -4.43
CA VAL A 256 1.66 16.57 -5.47
C VAL A 256 0.73 15.55 -6.11
N LEU A 257 -0.48 15.97 -6.38
CA LEU A 257 -1.38 15.25 -7.27
C LEU A 257 -1.59 16.13 -8.49
N GLY A 258 -1.64 15.53 -9.68
CA GLY A 258 -1.76 16.32 -10.89
C GLY A 258 -2.63 15.68 -11.94
N GLY A 259 -3.25 16.54 -12.75
CA GLY A 259 -4.04 16.09 -13.88
C GLY A 259 -4.27 17.26 -14.82
N ALA A 260 -4.97 17.02 -15.90
CA ALA A 260 -5.20 18.08 -16.87
C ALA A 260 -6.38 17.77 -17.78
N ASP A 261 -6.76 18.78 -18.56
CA ASP A 261 -7.81 18.62 -19.56
C ASP A 261 -7.59 19.72 -20.58
N GLU A 262 -7.05 19.35 -21.74
CA GLU A 262 -6.67 20.33 -22.75
C GLU A 262 -5.73 21.39 -22.16
N LYS A 263 -6.09 22.66 -22.24
CA LYS A 263 -5.19 23.70 -21.79
C LYS A 263 -5.16 23.88 -20.27
N GLN A 264 -6.11 23.27 -19.57
CA GLN A 264 -6.22 23.45 -18.13
C GLN A 264 -5.48 22.36 -17.36
N VAL A 265 -4.46 22.76 -16.61
CA VAL A 265 -3.73 21.83 -15.74
C VAL A 265 -4.05 22.11 -14.27
N TRP A 266 -4.23 21.05 -13.50
CA TRP A 266 -4.43 21.21 -12.07
C TRP A 266 -3.34 20.48 -11.30
N LEU A 267 -2.74 21.17 -10.33
CA LEU A 267 -1.76 20.57 -9.44
C LEU A 267 -2.20 20.80 -8.01
N THR A 268 -2.43 19.73 -7.28
CA THR A 268 -2.80 19.84 -5.88
C THR A 268 -1.56 19.61 -5.02
N MET A 269 -1.14 20.66 -4.31
CA MET A 269 0.02 20.58 -3.43
C MET A 269 -0.40 20.20 -2.03
N LEU A 270 0.20 19.14 -1.51
CA LEU A 270 -0.09 18.64 -0.18
C LEU A 270 1.12 18.85 0.69
N GLY A 271 0.95 19.65 1.75
CA GLY A 271 2.06 20.00 2.61
C GLY A 271 1.85 19.57 4.04
N PHE A 272 2.94 19.14 4.69
CA PHE A 272 2.92 18.72 6.09
C PHE A 272 4.17 19.21 6.79
N HIS A 273 3.99 19.83 7.94
CA HIS A 273 5.10 20.21 8.79
C HIS A 273 4.89 19.79 10.24
N PHE A 274 5.93 19.16 10.80
CA PHE A 274 5.93 18.76 12.20
CA PHE A 274 6.00 18.75 12.19
C PHE A 274 6.18 19.96 13.09
N GLY A 275 5.23 20.89 13.07
CA GLY A 275 5.39 22.13 13.83
C GLY A 275 4.37 23.17 13.44
N LEU A 276 4.63 24.41 13.85
CA LEU A 276 3.66 25.50 13.71
C LEU A 276 3.77 26.24 12.38
N LYS A 277 2.75 27.06 12.09
CA LYS A 277 2.61 27.62 10.76
C LYS A 277 3.62 28.71 10.42
N THR A 278 4.15 29.41 11.42
CA THR A 278 5.15 30.44 11.16
CA THR A 278 5.15 30.43 11.16
C THR A 278 6.39 29.84 10.53
N VAL A 279 6.86 28.73 11.09
CA VAL A 279 8.02 28.03 10.55
C VAL A 279 7.69 27.39 9.20
N ALA A 280 6.51 26.80 9.08
CA ALA A 280 6.11 26.18 7.83
C ALA A 280 6.11 27.20 6.68
N LYS A 281 5.51 28.35 6.92
CA LYS A 281 5.41 29.36 5.86
C LYS A 281 6.75 30.00 5.55
N SER A 282 7.56 30.26 6.56
CA SER A 282 8.89 30.80 6.35
CA SER A 282 8.89 30.80 6.35
C SER A 282 9.70 29.88 5.44
N THR A 283 9.58 28.57 5.68
CA THR A 283 10.31 27.59 4.90
C THR A 283 9.87 27.55 3.44
N PHE A 284 8.56 27.53 3.20
CA PHE A 284 8.10 27.51 1.82
C PHE A 284 8.21 28.87 1.12
N ASP A 285 8.12 29.96 1.86
CA ASP A 285 8.36 31.28 1.28
C ASP A 285 9.79 31.33 0.71
N LEU A 286 10.73 30.73 1.45
CA LEU A 286 12.13 30.72 1.04
C LEU A 286 12.39 29.76 -0.10
N LEU A 287 11.89 28.54 0.03
CA LEU A 287 12.26 27.46 -0.88
C LEU A 287 11.38 27.33 -2.12
N PHE A 288 10.12 27.77 -2.03
CA PHE A 288 9.18 27.57 -3.13
C PHE A 288 8.16 28.70 -3.21
N PRO A 289 8.64 29.93 -3.36
CA PRO A 289 7.71 31.07 -3.41
C PRO A 289 6.81 30.98 -4.64
N GLU A 290 7.23 30.22 -5.64
CA GLU A 290 6.46 30.05 -6.87
C GLU A 290 5.10 29.41 -6.64
N LEU A 291 4.93 28.73 -5.51
CA LEU A 291 3.64 28.12 -5.19
C LEU A 291 2.57 29.17 -4.92
N GLY A 292 2.99 30.37 -4.53
CA GLY A 292 2.06 31.43 -4.23
C GLY A 292 1.15 31.16 -3.04
N LEU A 293 1.66 30.41 -2.06
CA LEU A 293 0.88 30.13 -0.87
C LEU A 293 0.71 31.37 -0.01
N VAL A 294 -0.48 31.55 0.55
CA VAL A 294 -0.74 32.66 1.45
C VAL A 294 -0.98 32.15 2.88
N GLU A 295 -0.97 33.06 3.84
CA GLU A 295 -1.10 32.68 5.25
C GLU A 295 -2.31 31.77 5.49
N GLU A 296 -3.41 32.10 4.82
CA GLU A 296 -4.67 31.39 5.03
C GLU A 296 -4.66 29.98 4.47
N ASP A 297 -3.64 29.64 3.67
CA ASP A 297 -3.48 28.28 3.17
C ASP A 297 -2.96 27.34 4.23
N TYR A 298 -2.23 27.87 5.21
CA TYR A 298 -1.62 27.06 6.24
C TYR A 298 -2.60 26.83 7.38
N LEU A 299 -2.86 25.57 7.67
CA LEU A 299 -3.79 25.22 8.73
C LEU A 299 -3.07 24.48 9.84
N GLU A 300 -3.28 24.92 11.08
CA GLU A 300 -2.73 24.24 12.25
C GLU A 300 -3.80 23.36 12.86
N MET A 301 -3.46 22.10 13.10
CA MET A 301 -4.43 21.13 13.62
C MET A 301 -3.69 19.99 14.31
N SER A 302 -4.43 19.09 14.95
CA SER A 302 -3.79 17.96 15.61
C SER A 302 -3.27 16.98 14.56
N TRP A 303 -2.43 16.05 14.99
CA TRP A 303 -1.95 15.03 14.07
C TRP A 303 -3.13 14.23 13.48
N GLY A 304 -4.05 13.81 14.34
CA GLY A 304 -5.20 13.03 13.86
C GLY A 304 -6.01 13.82 12.84
N GLU A 305 -6.28 15.08 13.16
CA GLU A 305 -6.96 15.96 12.22
C GLU A 305 -6.21 16.04 10.90
N SER A 306 -4.89 16.17 10.97
CA SER A 306 -4.08 16.29 9.75
C SER A 306 -4.20 15.07 8.85
N PHE A 307 -4.27 13.88 9.44
CA PHE A 307 -4.34 12.68 8.62
C PHE A 307 -5.74 12.51 7.99
N ALA A 308 -6.78 12.87 8.74
CA ALA A 308 -8.11 12.89 8.16
C ALA A 308 -8.17 13.93 7.04
N TYR A 309 -7.56 15.09 7.26
CA TYR A 309 -7.60 16.18 6.31
CA TYR A 309 -7.58 16.19 6.31
C TYR A 309 -6.86 15.85 5.01
N LEU A 310 -5.67 15.30 5.13
CA LEU A 310 -4.89 14.97 3.94
C LEU A 310 -5.56 13.86 3.13
N ALA A 311 -6.34 13.01 3.80
CA ALA A 311 -7.10 11.95 3.14
C ALA A 311 -8.39 12.44 2.50
N GLY A 312 -8.72 13.72 2.69
CA GLY A 312 -9.92 14.28 2.09
C GLY A 312 -11.19 13.93 2.85
N LEU A 313 -11.04 13.46 4.08
CA LEU A 313 -12.20 13.14 4.93
C LEU A 313 -12.82 14.39 5.53
N GLU A 314 -14.09 14.28 5.91
CA GLU A 314 -14.79 15.39 6.53
C GLU A 314 -14.39 15.58 8.00
N THR A 315 -14.10 14.48 8.68
CA THR A 315 -13.89 14.49 10.13
C THR A 315 -12.92 13.40 10.54
N VAL A 316 -12.30 13.57 11.72
CA VAL A 316 -11.51 12.51 12.33
C VAL A 316 -12.36 11.26 12.55
N SER A 317 -13.62 11.44 12.93
CA SER A 317 -14.54 10.32 13.11
C SER A 317 -14.55 9.39 11.91
N GLN A 318 -14.48 9.94 10.70
CA GLN A 318 -14.54 9.13 9.49
C GLN A 318 -13.36 8.16 9.34
N LEU A 319 -12.25 8.45 10.02
CA LEU A 319 -11.13 7.51 10.02
C LEU A 319 -11.58 6.14 10.50
N ASN A 320 -12.55 6.11 11.42
CA ASN A 320 -12.91 4.86 12.07
C ASN A 320 -13.96 4.06 11.32
N ASN A 321 -14.28 4.48 10.10
CA ASN A 321 -15.31 3.80 9.31
C ASN A 321 -14.69 3.06 8.11
N ARG A 322 -14.47 1.77 8.27
CA ARG A 322 -13.73 1.00 7.28
C ARG A 322 -14.49 0.81 5.97
N PHE A 323 -15.79 1.04 5.99
CA PHE A 323 -16.61 0.81 4.81
C PHE A 323 -17.08 2.11 4.14
N LEU A 324 -16.48 3.23 4.56
CA LEU A 324 -16.68 4.49 3.85
C LEU A 324 -15.83 4.45 2.58
N LYS A 325 -16.49 4.27 1.44
CA LYS A 325 -15.78 4.03 0.18
C LYS A 325 -14.94 5.23 -0.27
N PHE A 326 -13.67 4.96 -0.57
CA PHE A 326 -12.73 6.02 -0.95
C PHE A 326 -13.04 6.63 -2.32
N ASP A 327 -13.50 5.81 -3.27
CA ASP A 327 -13.82 6.33 -4.59
C ASP A 327 -14.98 5.59 -5.31
N GLU A 328 -14.83 4.28 -5.48
CA GLU A 328 -15.83 3.46 -6.18
C GLU A 328 -15.65 3.47 -7.71
N ARG A 329 -14.47 3.84 -8.17
CA ARG A 329 -14.16 3.74 -9.60
C ARG A 329 -13.17 2.61 -9.84
N ALA A 330 -13.36 1.89 -10.93
CA ALA A 330 -12.37 0.91 -11.37
C ALA A 330 -11.10 1.68 -11.70
N PHE A 331 -9.95 1.05 -11.47
CA PHE A 331 -8.70 1.73 -11.77
C PHE A 331 -7.55 0.78 -12.11
N LYS A 332 -6.56 1.31 -12.80
CA LYS A 332 -5.29 0.65 -12.96
C LYS A 332 -4.23 1.69 -12.66
N THR A 333 -3.18 1.24 -11.98
CA THR A 333 -2.13 2.15 -11.57
C THR A 333 -0.77 1.48 -11.76
N LYS A 334 0.23 2.30 -12.06
CA LYS A 334 1.60 1.84 -12.17
C LYS A 334 2.46 2.84 -11.42
N VAL A 335 3.69 2.44 -11.10
CA VAL A 335 4.56 3.29 -10.31
C VAL A 335 5.99 3.19 -10.82
N ASP A 336 6.73 4.30 -10.65
CA ASP A 336 8.16 4.33 -10.89
C ASP A 336 8.87 4.91 -9.69
N LEU A 337 10.12 4.50 -9.52
CA LEU A 337 11.05 5.13 -8.58
CA LEU A 337 11.03 5.17 -8.59
C LEU A 337 12.17 5.74 -9.41
N THR A 338 12.73 6.85 -8.95
CA THR A 338 13.78 7.51 -9.69
C THR A 338 15.09 7.61 -8.91
N LYS A 339 16.19 7.71 -9.66
CA LYS A 339 17.51 7.85 -9.05
C LYS A 339 18.21 9.13 -9.52
N GLU A 340 17.80 9.63 -10.69
CA GLU A 340 18.33 10.88 -11.23
CA GLU A 340 18.34 10.87 -11.23
C GLU A 340 17.21 11.89 -11.37
N PRO A 341 17.54 13.19 -11.31
CA PRO A 341 16.49 14.19 -11.45
C PRO A 341 15.76 14.02 -12.78
N LEU A 342 14.46 14.29 -12.78
CA LEU A 342 13.68 14.26 -14.02
C LEU A 342 13.91 15.54 -14.80
N PRO A 343 14.17 15.43 -16.10
CA PRO A 343 14.33 16.65 -16.88
C PRO A 343 12.98 17.33 -17.08
N SER A 344 13.00 18.64 -17.30
CA SER A 344 11.78 19.39 -17.50
C SER A 344 10.88 18.74 -18.56
N LYS A 345 11.48 18.24 -19.64
CA LYS A 345 10.72 17.68 -20.75
C LYS A 345 9.93 16.43 -20.35
N ALA A 346 10.36 15.75 -19.28
CA ALA A 346 9.63 14.59 -18.80
C ALA A 346 8.31 15.05 -18.18
N PHE A 347 8.37 16.09 -17.36
CA PHE A 347 7.14 16.65 -16.81
C PHE A 347 6.26 17.26 -17.89
N TYR A 348 6.86 17.95 -18.85
CA TYR A 348 6.09 18.54 -19.94
C TYR A 348 5.31 17.46 -20.70
N GLY A 349 6.01 16.39 -21.07
CA GLY A 349 5.39 15.30 -21.81
C GLY A 349 4.34 14.57 -21.01
N LEU A 350 4.59 14.42 -19.71
CA LEU A 350 3.64 13.78 -18.83
CA LEU A 350 3.65 13.79 -18.82
C LEU A 350 2.36 14.61 -18.77
N LEU A 351 2.51 15.92 -18.63
CA LEU A 351 1.37 16.81 -18.58
C LEU A 351 0.62 16.85 -19.93
N GLU A 352 1.36 16.78 -21.04
CA GLU A 352 0.72 16.72 -22.35
C GLU A 352 -0.19 15.50 -22.42
N ARG A 353 0.30 14.37 -21.95
CA ARG A 353 -0.48 13.14 -22.00
CA ARG A 353 -0.47 13.13 -21.99
C ARG A 353 -1.68 13.18 -21.05
N LEU A 354 -1.50 13.75 -19.86
CA LEU A 354 -2.62 13.95 -18.95
C LEU A 354 -3.69 14.86 -19.57
N SER A 355 -3.25 15.85 -20.34
CA SER A 355 -4.20 16.80 -20.93
C SER A 355 -5.10 16.12 -21.95
N LYS A 356 -4.67 14.98 -22.47
CA LYS A 356 -5.43 14.23 -23.46
C LYS A 356 -6.33 13.17 -22.83
N GLU A 357 -6.18 12.98 -21.53
CA GLU A 357 -6.94 11.94 -20.83
C GLU A 357 -7.29 12.40 -19.42
N PRO A 358 -8.41 13.11 -19.28
CA PRO A 358 -8.80 13.66 -17.98
C PRO A 358 -9.11 12.61 -16.90
N ASN A 359 -9.25 11.35 -17.29
CA ASN A 359 -9.45 10.30 -16.30
C ASN A 359 -8.14 9.81 -15.68
N GLY A 360 -7.03 10.31 -16.21
CA GLY A 360 -5.73 9.99 -15.66
C GLY A 360 -5.26 11.01 -14.65
N PHE A 361 -4.44 10.58 -13.71
CA PHE A 361 -3.76 11.51 -12.82
C PHE A 361 -2.45 10.94 -12.33
N ILE A 362 -1.63 11.78 -11.73
CA ILE A 362 -0.34 11.35 -11.18
C ILE A 362 -0.24 11.75 -9.73
N ALA A 363 0.55 10.99 -8.98
CA ALA A 363 0.85 11.31 -7.60
C ALA A 363 2.36 11.28 -7.45
N LEU A 364 2.92 12.35 -6.88
CA LEU A 364 4.36 12.50 -6.77
C LEU A 364 4.81 12.68 -5.33
N ASN A 365 5.78 11.87 -4.91
CA ASN A 365 6.35 11.95 -3.57
C ASN A 365 7.86 11.95 -3.61
N GLY A 366 8.47 12.76 -2.75
CA GLY A 366 9.91 12.71 -2.59
C GLY A 366 10.31 11.74 -1.48
N PHE A 367 11.48 11.15 -1.63
CA PHE A 367 12.08 10.39 -0.55
C PHE A 367 13.07 11.31 0.16
N GLY A 368 14.25 10.81 0.51
CA GLY A 368 15.18 11.61 1.28
C GLY A 368 14.81 11.59 2.76
N GLY A 369 15.37 12.51 3.52
CA GLY A 369 15.18 12.51 4.96
C GLY A 369 15.53 11.16 5.54
N GLN A 370 14.66 10.66 6.41
CA GLN A 370 14.91 9.41 7.10
C GLN A 370 14.97 8.22 6.12
N MET A 371 14.34 8.35 4.96
CA MET A 371 14.38 7.25 3.98
C MET A 371 15.81 7.01 3.48
N SER A 372 16.65 8.05 3.53
CA SER A 372 18.05 7.90 3.13
C SER A 372 18.96 7.47 4.27
N LYS A 373 18.43 7.43 5.49
CA LYS A 373 19.23 7.07 6.66
C LYS A 373 19.00 5.64 7.12
N ILE A 374 18.05 4.98 6.47
CA ILE A 374 17.74 3.58 6.75
C ILE A 374 18.46 2.73 5.72
N SER A 375 19.16 1.69 6.17
CA SER A 375 19.93 0.82 5.27
CA SER A 375 19.93 0.86 5.24
C SER A 375 19.00 0.10 4.30
N SER A 376 19.52 -0.23 3.12
CA SER A 376 18.71 -0.92 2.12
C SER A 376 18.26 -2.30 2.56
N ASP A 377 18.93 -2.90 3.53
CA ASP A 377 18.49 -4.22 4.00
C ASP A 377 17.99 -4.21 5.45
N PHE A 378 17.72 -3.04 6.00
CA PHE A 378 17.12 -2.98 7.33
C PHE A 378 15.82 -3.79 7.34
N THR A 379 15.01 -3.58 6.31
CA THR A 379 13.84 -4.41 6.04
C THR A 379 13.87 -4.70 4.53
N PRO A 380 12.95 -5.54 4.03
CA PRO A 380 13.03 -5.89 2.61
C PRO A 380 12.86 -4.73 1.61
N PHE A 381 12.19 -3.65 1.97
CA PHE A 381 12.06 -2.51 1.06
C PHE A 381 13.43 -1.87 0.86
N PRO A 382 13.95 -1.90 -0.38
CA PRO A 382 15.35 -1.57 -0.58
C PRO A 382 15.64 -0.15 -1.06
N HIS A 383 14.59 0.61 -1.36
CA HIS A 383 14.75 1.89 -2.02
C HIS A 383 14.96 3.02 -1.03
N ARG A 384 16.21 3.19 -0.62
CA ARG A 384 16.56 4.11 0.45
C ARG A 384 17.49 5.20 -0.08
N SER A 385 18.69 5.35 0.46
CA SER A 385 19.60 6.37 -0.05
C SER A 385 19.79 6.22 -1.55
N GLY A 386 19.77 7.35 -2.26
CA GLY A 386 19.90 7.34 -3.71
C GLY A 386 18.57 7.39 -4.43
N THR A 387 17.49 7.00 -3.76
CA THR A 387 16.16 7.07 -4.35
C THR A 387 15.63 8.49 -4.18
N ARG A 388 15.20 9.11 -5.28
CA ARG A 388 14.77 10.50 -5.25
CA ARG A 388 14.77 10.50 -5.25
C ARG A 388 13.26 10.64 -5.14
N LEU A 389 12.54 10.06 -6.09
CA LEU A 389 11.09 10.23 -6.15
C LEU A 389 10.35 8.93 -6.34
N MET A 390 9.09 8.93 -5.91
CA MET A 390 8.13 7.91 -6.31
C MET A 390 7.08 8.61 -7.15
N VAL A 391 6.79 8.04 -8.33
CA VAL A 391 5.89 8.63 -9.29
C VAL A 391 4.82 7.62 -9.65
N GLU A 392 3.58 7.92 -9.31
CA GLU A 392 2.47 7.03 -9.58
CA GLU A 392 2.47 7.03 -9.59
C GLU A 392 1.62 7.55 -10.73
N TYR A 393 1.21 6.66 -11.63
CA TYR A 393 0.33 7.01 -12.74
C TYR A 393 -0.95 6.21 -12.58
N ILE A 394 -2.08 6.89 -12.58
CA ILE A 394 -3.36 6.23 -12.36
C ILE A 394 -4.34 6.58 -13.46
N VAL A 395 -5.13 5.61 -13.91
CA VAL A 395 -6.30 5.91 -14.72
C VAL A 395 -7.50 5.23 -14.06
N ALA A 396 -8.60 5.97 -13.93
CA ALA A 396 -9.77 5.49 -13.20
C ALA A 396 -11.05 5.89 -13.92
N TRP A 397 -12.08 5.06 -13.80
CA TRP A 397 -13.32 5.34 -14.52
C TRP A 397 -14.55 4.77 -13.81
N ASN A 398 -15.70 5.34 -14.10
CA ASN A 398 -16.96 4.85 -13.56
C ASN A 398 -17.67 3.91 -14.52
N GLN A 399 -18.77 3.31 -14.07
CA GLN A 399 -19.48 2.32 -14.87
C GLN A 399 -19.95 2.86 -16.23
N SER A 400 -20.33 4.13 -16.26
CA SER A 400 -20.84 4.72 -17.50
C SER A 400 -19.74 4.85 -18.56
N GLU A 401 -18.49 4.70 -18.14
CA GLU A 401 -17.35 4.87 -19.04
C GLU A 401 -16.68 3.54 -19.37
N GLN A 402 -17.33 2.42 -19.05
CA GLN A 402 -16.75 1.10 -19.22
CA GLN A 402 -16.76 1.09 -19.22
C GLN A 402 -16.30 0.79 -20.65
N LYS A 403 -17.01 1.35 -21.63
CA LYS A 403 -16.65 1.08 -23.03
C LYS A 403 -15.25 1.59 -23.35
N LYS A 404 -14.77 2.55 -22.58
CA LYS A 404 -13.48 3.16 -22.84
C LYS A 404 -12.34 2.45 -22.12
N LYS A 405 -12.65 1.35 -21.42
CA LYS A 405 -11.66 0.65 -20.62
C LYS A 405 -10.38 0.37 -21.40
N THR A 406 -10.51 -0.22 -22.58
CA THR A 406 -9.35 -0.56 -23.39
C THR A 406 -8.54 0.69 -23.71
N GLU A 407 -9.23 1.78 -24.06
CA GLU A 407 -8.58 3.05 -24.33
C GLU A 407 -7.82 3.59 -23.11
N PHE A 408 -8.45 3.53 -21.94
CA PHE A 408 -7.81 3.99 -20.72
C PHE A 408 -6.51 3.22 -20.45
N LEU A 409 -6.57 1.90 -20.58
CA LEU A 409 -5.41 1.06 -20.30
C LEU A 409 -4.29 1.31 -21.32
N ASP A 410 -4.67 1.53 -22.57
CA ASP A 410 -3.71 1.87 -23.60
C ASP A 410 -3.00 3.19 -23.28
N TRP A 411 -3.77 4.18 -22.82
CA TRP A 411 -3.17 5.46 -22.42
C TRP A 411 -2.13 5.26 -21.32
N LEU A 412 -2.49 4.49 -20.31
CA LEU A 412 -1.58 4.24 -19.20
C LEU A 412 -0.32 3.50 -19.65
N GLU A 413 -0.49 2.51 -20.53
CA GLU A 413 0.65 1.79 -21.06
C GLU A 413 1.61 2.74 -21.77
N LYS A 414 1.04 3.66 -22.54
CA LYS A 414 1.86 4.60 -23.30
C LYS A 414 2.57 5.60 -22.39
N VAL A 415 1.92 6.01 -21.29
CA VAL A 415 2.56 6.89 -20.32
C VAL A 415 3.78 6.21 -19.71
N TYR A 416 3.61 4.96 -19.31
CA TYR A 416 4.69 4.20 -18.70
CA TYR A 416 4.69 4.20 -18.72
C TYR A 416 5.86 4.04 -19.68
N GLU A 417 5.54 3.79 -20.95
CA GLU A 417 6.59 3.68 -21.96
C GLU A 417 7.31 5.01 -22.16
N PHE A 418 6.55 6.10 -22.16
CA PHE A 418 7.16 7.43 -22.29
C PHE A 418 8.16 7.70 -21.17
N MET A 419 7.86 7.26 -19.96
CA MET A 419 8.70 7.60 -18.81
C MET A 419 9.95 6.74 -18.71
N LYS A 420 9.97 5.64 -19.45
CA LYS A 420 11.06 4.65 -19.36
C LYS A 420 12.48 5.24 -19.30
N PRO A 421 12.81 6.18 -20.20
CA PRO A 421 14.20 6.68 -20.21
C PRO A 421 14.58 7.55 -19.01
N PHE A 422 13.59 8.06 -18.28
CA PHE A 422 13.89 9.04 -17.23
C PHE A 422 13.96 8.46 -15.84
N VAL A 423 13.41 7.27 -15.67
CA VAL A 423 13.25 6.68 -14.34
C VAL A 423 14.31 5.60 -14.11
N SER A 424 14.21 4.90 -12.97
CA SER A 424 15.20 3.88 -12.66
C SER A 424 15.30 2.84 -13.77
N LYS A 425 16.49 2.30 -13.98
CA LYS A 425 16.74 1.31 -15.02
C LYS A 425 17.65 0.21 -14.52
N ASN A 426 17.54 -0.97 -15.12
CA ASN A 426 18.49 -2.06 -14.86
C ASN A 426 18.58 -2.43 -13.38
N PRO A 427 17.45 -2.83 -12.78
CA PRO A 427 16.15 -2.97 -13.42
C PRO A 427 15.25 -1.75 -13.17
N ARG A 428 14.14 -1.68 -13.89
CA ARG A 428 13.14 -0.65 -13.60
C ARG A 428 12.45 -1.02 -12.28
N LEU A 429 12.61 -0.15 -11.30
CA LEU A 429 12.25 -0.48 -9.91
C LEU A 429 10.75 -0.41 -9.67
N GLY A 430 10.30 -1.11 -8.64
CA GLY A 430 8.90 -1.10 -8.26
C GLY A 430 8.75 -1.21 -6.75
N TYR A 431 7.50 -1.38 -6.30
CA TYR A 431 7.17 -1.37 -4.88
C TYR A 431 6.10 -2.43 -4.68
N VAL A 432 6.33 -3.39 -3.79
CA VAL A 432 5.45 -4.55 -3.70
C VAL A 432 4.02 -4.19 -3.30
N ASN A 433 3.82 -3.13 -2.53
CA ASN A 433 2.45 -2.68 -2.23
C ASN A 433 1.75 -2.12 -3.46
N HIS A 434 2.55 -1.79 -4.47
CA HIS A 434 2.04 -1.33 -5.76
CA HIS A 434 2.03 -1.34 -5.75
C HIS A 434 2.14 -2.49 -6.74
N ILE A 435 1.65 -3.64 -6.31
CA ILE A 435 1.73 -4.87 -7.08
C ILE A 435 1.24 -4.67 -8.51
N ASP A 436 2.01 -5.15 -9.48
CA ASP A 436 1.73 -4.93 -10.89
C ASP A 436 1.99 -6.20 -11.68
N LEU A 437 0.92 -6.83 -12.15
CA LEU A 437 1.05 -8.09 -12.87
C LEU A 437 1.51 -7.95 -14.32
N ASP A 438 1.64 -6.71 -14.81
CA ASP A 438 2.18 -6.50 -16.15
C ASP A 438 3.60 -7.05 -16.18
N LEU A 439 4.24 -7.07 -15.02
CA LEU A 439 5.61 -7.53 -14.88
C LEU A 439 5.73 -9.03 -15.12
N GLY A 440 4.61 -9.74 -15.03
CA GLY A 440 4.56 -11.18 -15.20
C GLY A 440 3.96 -11.87 -13.99
N GLY A 441 3.89 -13.20 -14.03
CA GLY A 441 3.37 -13.97 -12.91
C GLY A 441 3.61 -15.47 -13.05
N ILE A 442 3.70 -16.16 -11.93
CA ILE A 442 3.90 -17.60 -11.89
C ILE A 442 2.58 -18.35 -11.81
N ASP A 443 2.40 -19.32 -12.70
CA ASP A 443 1.33 -20.31 -12.54
C ASP A 443 1.91 -21.49 -11.78
N TRP A 444 1.55 -21.58 -10.49
CA TRP A 444 2.12 -22.59 -9.60
C TRP A 444 1.69 -24.00 -9.96
N GLY A 445 0.76 -24.13 -10.90
CA GLY A 445 0.31 -25.42 -11.36
C GLY A 445 1.04 -25.89 -12.61
N ASN A 446 1.97 -25.07 -13.10
CA ASN A 446 2.70 -25.34 -14.33
C ASN A 446 4.12 -25.80 -14.03
N LYS A 447 4.41 -27.07 -14.26
CA LYS A 447 5.66 -27.67 -13.78
C LYS A 447 6.93 -27.04 -14.38
N THR A 448 6.90 -26.75 -15.67
CA THR A 448 8.09 -26.19 -16.30
C THR A 448 8.41 -24.78 -15.75
N VAL A 449 7.37 -24.01 -15.49
CA VAL A 449 7.53 -22.68 -14.90
C VAL A 449 8.03 -22.79 -13.47
N VAL A 450 7.41 -23.66 -12.68
CA VAL A 450 7.80 -23.82 -11.29
C VAL A 450 9.25 -24.29 -11.15
N ASN A 451 9.68 -25.19 -12.03
CA ASN A 451 11.09 -25.60 -12.04
C ASN A 451 12.04 -24.39 -12.15
N ASN A 452 11.64 -23.40 -12.94
CA ASN A 452 12.47 -22.22 -13.14
C ASN A 452 11.94 -20.99 -12.41
N ALA A 453 11.24 -21.21 -11.29
CA ALA A 453 10.51 -20.13 -10.63
C ALA A 453 11.41 -19.01 -10.10
N ILE A 454 12.60 -19.35 -9.62
CA ILE A 454 13.48 -18.33 -9.08
C ILE A 454 13.93 -17.34 -10.16
N GLU A 455 14.38 -17.83 -11.30
CA GLU A 455 14.80 -16.93 -12.37
CA GLU A 455 14.81 -16.93 -12.38
C GLU A 455 13.62 -16.14 -12.92
N ILE A 456 12.51 -16.82 -13.18
CA ILE A 456 11.33 -16.14 -13.69
C ILE A 456 10.89 -15.03 -12.74
N SER A 457 10.88 -15.33 -11.45
CA SER A 457 10.37 -14.38 -10.46
CA SER A 457 10.37 -14.39 -10.46
C SER A 457 11.32 -13.22 -10.20
N ARG A 458 12.53 -13.32 -10.72
CA ARG A 458 13.52 -12.28 -10.54
C ARG A 458 13.06 -10.99 -11.23
N SER A 459 12.25 -11.14 -12.28
CA SER A 459 11.75 -10.00 -13.05
CA SER A 459 11.76 -10.00 -13.04
C SER A 459 11.10 -8.97 -12.14
N TRP A 460 10.07 -9.40 -11.40
CA TRP A 460 9.42 -8.51 -10.45
C TRP A 460 10.14 -8.50 -9.11
N GLY A 461 10.69 -9.64 -8.70
CA GLY A 461 11.31 -9.74 -7.39
C GLY A 461 12.44 -8.76 -7.17
N GLU A 462 13.32 -8.63 -8.16
CA GLU A 462 14.43 -7.68 -8.02
C GLU A 462 13.97 -6.24 -8.20
N SER A 463 12.86 -6.05 -8.92
CA SER A 463 12.30 -4.71 -9.03
C SER A 463 11.75 -4.23 -7.69
N TYR A 464 11.11 -5.13 -6.96
CA TYR A 464 10.53 -4.80 -5.66
C TYR A 464 11.57 -4.78 -4.54
N PHE A 465 12.56 -5.67 -4.62
CA PHE A 465 13.41 -5.97 -3.47
C PHE A 465 14.90 -5.86 -3.73
N LEU A 466 15.29 -5.65 -4.99
CA LEU A 466 16.69 -5.64 -5.36
C LEU A 466 17.48 -6.80 -4.72
N SER A 467 18.60 -6.51 -4.06
CA SER A 467 19.46 -7.55 -3.53
CA SER A 467 19.46 -7.56 -3.54
C SER A 467 18.87 -8.29 -2.34
N ASN A 468 17.75 -7.81 -1.83
CA ASN A 468 17.09 -8.48 -0.71
C ASN A 468 16.36 -9.74 -1.16
N TYR A 469 16.27 -9.93 -2.47
CA TYR A 469 15.54 -11.05 -3.06
CA TYR A 469 15.52 -11.05 -3.02
C TYR A 469 16.05 -12.38 -2.52
N GLU A 470 17.37 -12.54 -2.47
CA GLU A 470 17.98 -13.81 -2.04
C GLU A 470 17.62 -14.19 -0.60
N ARG A 471 17.74 -13.22 0.32
CA ARG A 471 17.41 -13.49 1.71
C ARG A 471 15.91 -13.80 1.86
N LEU A 472 15.09 -13.12 1.07
CA LEU A 472 13.66 -13.42 1.06
C LEU A 472 13.37 -14.87 0.65
N ILE A 473 14.08 -15.36 -0.37
CA ILE A 473 13.92 -16.75 -0.79
C ILE A 473 14.31 -17.71 0.34
N ARG A 474 15.39 -17.41 1.05
CA ARG A 474 15.77 -18.26 2.17
C ARG A 474 14.71 -18.25 3.26
N ALA A 475 14.18 -17.07 3.58
CA ALA A 475 13.15 -16.96 4.61
C ALA A 475 11.89 -17.72 4.21
N LYS A 476 11.51 -17.60 2.93
CA LYS A 476 10.33 -18.28 2.40
C LYS A 476 10.46 -19.78 2.54
N THR A 477 11.65 -20.29 2.20
CA THR A 477 11.93 -21.72 2.28
C THR A 477 11.83 -22.23 3.72
N LEU A 478 12.25 -21.40 4.67
CA LEU A 478 12.20 -21.74 6.08
C LEU A 478 10.77 -21.81 6.61
N ILE A 479 9.98 -20.77 6.32
CA ILE A 479 8.69 -20.63 6.96
C ILE A 479 7.53 -21.26 6.18
N ASP A 480 7.68 -21.40 4.86
CA ASP A 480 6.62 -21.97 4.03
C ASP A 480 7.20 -22.84 2.92
N PRO A 481 7.93 -23.90 3.30
CA PRO A 481 8.62 -24.74 2.30
C PRO A 481 7.64 -25.37 1.30
N ASN A 482 6.41 -25.60 1.73
CA ASN A 482 5.42 -26.26 0.88
C ASN A 482 4.57 -25.29 0.07
N ASN A 483 4.89 -24.00 0.18
CA ASN A 483 4.25 -22.97 -0.62
C ASN A 483 2.74 -22.91 -0.44
N VAL A 484 2.30 -23.00 0.82
CA VAL A 484 0.88 -22.88 1.13
C VAL A 484 0.36 -21.48 0.84
N PHE A 485 1.21 -20.48 1.02
CA PHE A 485 0.84 -19.09 0.78
C PHE A 485 1.48 -18.61 -0.50
N ASN A 486 0.67 -18.56 -1.56
CA ASN A 486 1.19 -18.26 -2.88
C ASN A 486 0.23 -17.42 -3.72
N HIS A 487 0.79 -16.72 -4.69
CA HIS A 487 0.03 -15.93 -5.64
C HIS A 487 0.94 -15.68 -6.84
N PRO A 488 0.45 -15.02 -7.89
CA PRO A 488 1.26 -14.94 -9.11
C PRO A 488 2.65 -14.32 -8.92
N GLN A 489 2.84 -13.50 -7.90
CA GLN A 489 4.15 -12.90 -7.68
C GLN A 489 4.74 -13.17 -6.29
N SER A 490 4.35 -14.27 -5.67
CA SER A 490 4.88 -14.61 -4.34
C SER A 490 6.32 -15.12 -4.43
N ILE A 491 7.11 -14.85 -3.40
CA ILE A 491 8.50 -15.32 -3.36
C ILE A 491 8.54 -16.85 -3.44
N PRO A 492 9.33 -17.40 -4.38
CA PRO A 492 9.36 -18.86 -4.49
C PRO A 492 10.19 -19.50 -3.39
N PRO A 493 9.73 -20.65 -2.88
CA PRO A 493 10.58 -21.43 -1.99
C PRO A 493 11.53 -22.27 -2.83
N MET A 494 12.65 -22.69 -2.25
CA MET A 494 13.51 -23.62 -2.94
C MET A 494 12.97 -25.03 -2.79
N ALA A 495 12.96 -25.78 -3.88
CA ALA A 495 12.41 -27.14 -3.86
C ALA A 495 13.51 -28.16 -3.76
N ASN A 496 13.27 -29.21 -2.97
CA ASN A 496 14.24 -30.29 -2.81
C ASN A 496 14.11 -31.35 -3.90
N PHE A 497 15.21 -32.02 -4.20
CA PHE A 497 15.25 -33.11 -5.17
C PHE A 497 14.17 -34.15 -4.87
C1 NAG B . -19.78 -13.25 11.07
C2 NAG B . -21.05 -13.25 11.90
C3 NAG B . -21.96 -12.07 11.58
C4 NAG B . -21.18 -10.76 11.47
C5 NAG B . -20.01 -10.95 10.53
C6 NAG B . -19.19 -9.67 10.36
C7 NAG B . -21.84 -15.42 12.61
C8 NAG B . -22.64 -16.64 12.28
N2 NAG B . -21.79 -14.48 11.68
O3 NAG B . -22.98 -11.94 12.55
O4 NAG B . -22.07 -9.77 11.00
O5 NAG B . -19.18 -11.96 11.05
O6 NAG B . -18.66 -9.25 11.59
O7 NAG B . -21.25 -15.33 13.69
C1 NAG B . -22.06 -8.62 11.87
C2 NAG B . -22.56 -7.42 11.08
C3 NAG B . -22.90 -6.20 11.95
C4 NAG B . -23.55 -6.57 13.28
C5 NAG B . -22.87 -7.76 13.93
C6 NAG B . -23.63 -8.20 15.18
C7 NAG B . -21.84 -7.36 8.79
C8 NAG B . -20.83 -6.88 7.80
N2 NAG B . -21.61 -7.05 10.06
O3 NAG B . -23.74 -5.35 11.22
O4 NAG B . -23.49 -5.44 14.12
O5 NAG B . -22.83 -8.86 13.04
O6 NAG B . -24.94 -8.57 14.81
O7 NAG B . -22.80 -8.02 8.41
C1 MAN B . -24.80 -4.98 14.44
C2 MAN B . -24.83 -4.67 15.95
C3 MAN B . -25.84 -3.62 16.41
C4 MAN B . -26.22 -2.63 15.32
C5 MAN B . -26.43 -3.37 14.01
C6 MAN B . -26.96 -2.47 12.91
O2 MAN B . -23.54 -4.23 16.32
O3 MAN B . -25.32 -2.92 17.51
O4 MAN B . -27.41 -1.96 15.68
O5 MAN B . -25.17 -3.88 13.65
O6 MAN B . -27.37 -3.26 11.82
PA FAD C . -5.53 -6.82 0.76
O1A FAD C . -5.99 -6.83 -0.66
O2A FAD C . -6.49 -7.33 1.79
O5B FAD C . -4.14 -7.59 0.94
C5B FAD C . -3.04 -7.34 0.08
C4B FAD C . -2.13 -8.57 0.06
O4B FAD C . -1.70 -8.88 1.39
C3B FAD C . -2.82 -9.81 -0.47
O3B FAD C . -1.81 -10.66 -1.01
C2B FAD C . -3.35 -10.44 0.80
O2B FAD C . -3.59 -11.84 0.69
C1B FAD C . -2.23 -10.13 1.79
N9A FAD C . -2.71 -10.03 3.17
C8A FAD C . -3.78 -9.33 3.66
N7A FAD C . -3.83 -9.50 5.00
C5A FAD C . -2.80 -10.31 5.37
C6A FAD C . -2.37 -10.82 6.60
N6A FAD C . -3.01 -10.54 7.74
N1A FAD C . -1.26 -11.63 6.62
C2A FAD C . -0.58 -11.93 5.47
N3A FAD C . -0.99 -11.43 4.26
C4A FAD C . -2.09 -10.64 4.23
N1 FAD C . 0.32 2.11 -0.15
C2 FAD C . 1.25 2.89 0.50
O2 FAD C . 2.34 2.43 0.83
N3 FAD C . 0.99 4.22 0.74
C4 FAD C . -0.22 4.78 0.38
O4 FAD C . -0.44 5.95 0.68
C4X FAD C . -1.16 4.00 -0.28
N5 FAD C . -2.36 4.52 -0.71
C5X FAD C . -3.38 3.70 -1.17
C6 FAD C . -4.62 4.21 -1.50
C7 FAD C . -5.67 3.36 -1.85
C7M FAD C . -7.01 3.96 -2.20
C8 FAD C . -5.46 1.99 -1.93
C8M FAD C . -6.59 1.06 -2.30
C9 FAD C . -4.18 1.49 -1.66
C9A FAD C . -3.14 2.33 -1.30
N10 FAD C . -1.85 1.87 -1.12
C10 FAD C . -0.90 2.66 -0.53
C1' FAD C . -1.50 0.46 -1.49
C2' FAD C . -1.64 -0.47 -0.28
O2' FAD C . -0.52 -0.33 0.56
C3' FAD C . -1.70 -1.92 -0.74
O3' FAD C . -2.82 -2.11 -1.59
C4' FAD C . -1.81 -2.84 0.48
O4' FAD C . -1.15 -4.07 0.23
C5' FAD C . -3.28 -3.12 0.78
O5' FAD C . -3.40 -3.83 2.00
P FAD C . -4.86 -4.37 2.34
O1P FAD C . -4.82 -5.21 3.58
O2P FAD C . -5.89 -3.30 2.26
O3P FAD C . -5.12 -5.27 1.01
C2 REN D . -6.09 7.23 -5.32
C2 REN D . -6.33 7.60 -5.12
C3 REN D . -7.33 6.93 -5.82
C3 REN D . -7.49 7.23 -5.77
C5 REN D . -7.52 5.75 -6.54
C5 REN D . -7.57 6.01 -6.45
C8 REN D . -6.47 4.88 -6.73
C8 REN D . -6.47 5.19 -6.50
C9 REN D . -5.22 5.17 -6.22
C9 REN D . -5.30 5.53 -5.86
C10 REN D . -4.18 4.07 -6.15
C10 REN D . -4.28 4.47 -5.60
C11 REN D . -2.81 4.69 -5.94
C11 REN D . -3.06 5.19 -5.21
N12 REN D . -2.94 5.35 -4.67
N12 REN D . -3.32 5.82 -4.00
C14 REN D . -3.72 6.59 -4.71
C14 REN D . -4.00 7.10 -4.28
C16 REN D . -2.82 7.79 -5.20
C16 REN D . -3.14 8.23 -4.93
C17 REN D . -3.16 8.99 -4.26
C17 REN D . -2.12 9.01 -4.04
C25 REN D . -4.44 9.52 -4.27
C25 REN D . -2.48 10.17 -3.38
C24 REN D . -4.76 10.58 -3.45
C24 REN D . -1.54 10.84 -2.59
C21 REN D . -3.82 11.14 -2.61
C21 REN D . -0.26 10.33 -2.47
O22 REN D . -4.16 12.19 -1.80
O22 REN D . 0.66 10.96 -1.70
C23 REN D . -5.50 12.28 -1.28
C23 REN D . 0.24 11.73 -0.58
C19 REN D . -2.52 10.62 -2.59
C19 REN D . 0.09 9.18 -3.13
O20 REN D . -1.57 11.18 -1.73
O20 REN D . 1.34 8.68 -3.01
C18 REN D . -2.18 9.54 -3.42
C18 REN D . -0.83 8.52 -3.90
C1 REN D . -5.02 6.37 -5.50
C1 REN D . -5.21 6.78 -5.16
C13 REN D . -1.75 5.38 -3.81
C13 REN D . -2.01 5.74 -3.38
O6 REN D . -8.75 5.46 -7.03
O6 REN D . -8.72 5.65 -7.08
C7 REN D . -9.13 5.96 -8.31
C7 REN D . -9.07 6.24 -8.31
O4 REN D . -8.38 7.80 -5.62
O4 REN D . -8.59 8.05 -5.72
C1 NAG E . 3.43 -23.75 -18.80
C2 NAG E . 2.47 -24.26 -19.89
C3 NAG E . 2.92 -23.91 -21.30
C4 NAG E . 3.44 -22.49 -21.40
C5 NAG E . 4.46 -22.22 -20.30
C6 NAG E . 4.99 -20.80 -20.35
C7 NAG E . 1.23 -26.29 -19.40
C8 NAG E . 1.20 -27.79 -19.43
N2 NAG E . 2.36 -25.71 -19.78
O3 NAG E . 1.82 -24.07 -22.19
O4 NAG E . 4.06 -22.30 -22.66
O5 NAG E . 3.84 -22.42 -19.05
O6 NAG E . 4.01 -19.93 -19.81
O7 NAG E . 0.24 -25.65 -19.05
MG MG F . -32.22 -12.66 -4.09
#